data_3B4B
#
_entry.id   3B4B
#
_cell.length_a   180.992
_cell.length_b   39.686
_cell.length_c   70.968
_cell.angle_alpha   90
_cell.angle_beta   90
_cell.angle_gamma   90
#
_symmetry.space_group_name_H-M   'P 21 21 2'
#
loop_
_entity.id
_entity.type
_entity.pdbx_description
1 polymer "glmS ribozyme substrate with 2'5'-phosphodiester linkage"
2 polymer 'glmS ribozyme RNA'
3 non-polymer 2-amino-2-deoxy-6-O-phosphono-alpha-D-glucopyranose
4 non-polymer "3'-DEOXYADENOSINE"
5 non-polymer 'MAGNESIUM ION'
6 water water
#
loop_
_entity_poly.entity_id
_entity_poly.type
_entity_poly.pdbx_seq_one_letter_code
_entity_poly.pdbx_strand_id
1 'polyribonucleotide' GCGCCUGGACUUAAAGCCAUUGCACU A
2 'polyribonucleotide'
;CCGGCUUUAAGUUGACGAGAGCAGGGUUUAUCGAGACAUCGGCGGGUGCCCUGCGGUCUUCCUGCGACCGUUAGAGGACU
GGUAAAACCACAGGCGACUGUGGCAUAGAGCAGUCCGGGCAGGAA
;
B
#
loop_
_chem_comp.id
_chem_comp.type
_chem_comp.name
_chem_comp.formula
3AD non-polymer 3'-DEOXYADENOSINE 'C10 H13 N5 O3'
A RNA linking ADENOSINE-5'-MONOPHOSPHATE 'C10 H14 N5 O7 P'
C RNA linking CYTIDINE-5'-MONOPHOSPHATE 'C9 H14 N3 O8 P'
G RNA linking GUANOSINE-5'-MONOPHOSPHATE 'C10 H14 N5 O8 P'
GLP D-saccharide, alpha linking 2-amino-2-deoxy-6-O-phosphono-alpha-D-glucopyranose 'C6 H14 N O8 P'
MG non-polymer 'MAGNESIUM ION' 'Mg 2'
U RNA linking URIDINE-5'-MONOPHOSPHATE 'C9 H13 N2 O9 P'
#
# COMPACT_ATOMS: atom_id res chain seq x y z
C1 GLP C . -2.96 -0.95 -0.20
C2 GLP C . -4.28 -0.71 0.58
C3 GLP C . -4.94 -2.08 0.87
C4 GLP C . -5.21 -2.76 -0.47
C5 GLP C . -3.86 -2.94 -1.22
C6 GLP C . -4.11 -3.62 -2.58
O1 GLP C . -2.02 -1.72 0.57
N2 GLP C . -3.98 -0.02 1.86
O3 GLP C . -6.17 -1.89 1.58
O4 GLP C . -5.82 -4.05 -0.25
O5 GLP C . -3.24 -1.65 -1.45
O6 GLP C . -5.00 -2.81 -3.37
P GLP C . -5.55 -3.66 -4.62
O1P GLP C . -6.91 -3.19 -4.96
O2P GLP C . -4.56 -3.49 -5.87
O3P GLP C . -5.63 -5.24 -4.24
O5' 3AD D . 4.29 5.74 3.03
C5' 3AD D . 3.25 5.87 2.07
C4' 3AD D . 2.62 4.54 1.74
O4' 3AD D . 3.62 3.64 1.21
C3' 3AD D . 2.05 3.75 2.92
C2' 3AD D . 1.97 2.35 2.34
O2' 3AD D . 0.82 2.16 1.56
C1' 3AD D . 3.16 2.32 1.39
N9 3AD D . 4.29 1.47 1.78
C8 3AD D . 5.07 1.51 2.91
N7 3AD D . 6.02 0.60 2.92
C5 3AD D . 5.85 -0.08 1.72
C6 3AD D . 6.55 -1.14 1.12
N6 3AD D . 7.62 -1.72 1.64
N1 3AD D . 6.10 -1.57 -0.09
C2 3AD D . 5.04 -0.99 -0.64
N3 3AD D . 4.31 0.03 -0.17
C4 3AD D . 4.77 0.44 1.02
MG MG E . -0.99 8.82 -3.34
MG MG F . 0.75 9.01 3.89
MG MG G . -2.92 -5.98 -5.26
#